data_1J3Q
#
_entry.id   1J3Q
#
_cell.length_a   40.520
_cell.length_b   81.070
_cell.length_c   126.939
_cell.angle_alpha   90.00
_cell.angle_beta   90.00
_cell.angle_gamma   90.00
#
_symmetry.space_group_name_H-M   'P 21 21 21'
#
loop_
_entity.id
_entity.type
_entity.pdbx_description
1 polymer 'Phosphoglucose Isomerase'
2 non-polymer 'FE (III) ION'
3 water water
#
_entity_poly.entity_id   1
_entity_poly.type   'polypeptide(L)'
_entity_poly.pdbx_seq_one_letter_code
;MKYKEPFGVKLDFETGIIENAKKSVRRLSDMKGYFIDEEAWKKMVEEGDPVVYEVYAIEQEEKEGDLNFATTVLYPGKVG
NEFFMTKGHYHSKIDRAEVYFALKGKGGMLLQTPEGEARFIEMEPGTIVYVPPYWAHRTINTGDKPFIFLALYPADAGHD
YGTIAEKGFSKIVVEENGKVVVKDNPKWRM
;
_entity_poly.pdbx_strand_id   A,B
#
loop_
_chem_comp.id
_chem_comp.type
_chem_comp.name
_chem_comp.formula
FE non-polymer 'FE (III) ION' 'Fe 3'
#
# COMPACT_ATOMS: atom_id res chain seq x y z
N MET A 1 2.47 27.21 -6.59
CA MET A 1 1.51 26.79 -5.54
C MET A 1 2.25 26.35 -4.27
N LYS A 2 1.51 26.16 -3.19
CA LYS A 2 2.08 25.75 -1.92
C LYS A 2 2.01 24.22 -1.81
N TYR A 3 3.16 23.55 -1.77
CA TYR A 3 3.21 22.09 -1.70
C TYR A 3 2.96 21.54 -0.30
N LYS A 4 2.52 20.29 -0.23
CA LYS A 4 2.29 19.67 1.07
C LYS A 4 3.61 19.05 1.48
N GLU A 5 3.85 18.93 2.79
CA GLU A 5 5.12 18.36 3.23
C GLU A 5 5.07 16.84 3.31
N PRO A 6 6.15 16.18 2.88
CA PRO A 6 6.15 14.71 2.94
C PRO A 6 6.30 14.32 4.42
N PHE A 7 5.97 13.07 4.73
CA PHE A 7 6.09 12.62 6.12
C PHE A 7 6.18 11.11 6.27
N GLY A 8 6.70 10.68 7.41
CA GLY A 8 6.81 9.27 7.70
C GLY A 8 6.03 9.00 8.98
N VAL A 9 5.27 7.91 9.02
CA VAL A 9 4.52 7.53 10.23
C VAL A 9 4.69 6.06 10.49
N LYS A 10 4.72 5.68 11.77
CA LYS A 10 4.91 4.29 12.15
C LYS A 10 3.62 3.47 12.18
N LEU A 11 3.73 2.23 11.69
CA LEU A 11 2.60 1.30 11.71
C LEU A 11 3.07 0.13 12.55
N ASP A 12 2.30 -0.22 13.58
CA ASP A 12 2.63 -1.33 14.46
C ASP A 12 2.05 -2.61 13.85
N PHE A 13 2.93 -3.49 13.39
CA PHE A 13 2.54 -4.76 12.76
C PHE A 13 1.67 -5.65 13.65
N GLU A 14 1.81 -5.51 14.97
CA GLU A 14 1.05 -6.33 15.90
C GLU A 14 -0.33 -5.79 16.25
N THR A 15 -0.48 -4.47 16.25
CA THR A 15 -1.74 -3.85 16.61
C THR A 15 -2.46 -3.23 15.44
N GLY A 16 -1.70 -2.95 14.38
CA GLY A 16 -2.28 -2.32 13.20
C GLY A 16 -2.46 -0.83 13.38
N ILE A 17 -2.05 -0.31 14.54
CA ILE A 17 -2.21 1.12 14.78
C ILE A 17 -1.19 1.98 14.03
N ILE A 18 -1.69 3.06 13.41
CA ILE A 18 -0.83 3.97 12.70
C ILE A 18 -0.78 5.29 13.50
N GLU A 19 0.43 5.77 13.77
CA GLU A 19 0.58 7.02 14.53
C GLU A 19 0.01 8.22 13.77
N ASN A 20 -0.65 9.10 14.51
CA ASN A 20 -1.25 10.31 13.97
C ASN A 20 -2.48 10.07 13.10
N ALA A 21 -2.88 8.82 12.97
CA ALA A 21 -4.04 8.48 12.15
C ALA A 21 -5.36 8.81 12.85
N LYS A 22 -6.42 8.94 12.06
CA LYS A 22 -7.75 9.21 12.59
C LYS A 22 -8.41 7.86 12.84
N LYS A 23 -8.89 7.65 14.06
CA LYS A 23 -9.51 6.38 14.44
C LYS A 23 -11.05 6.38 14.37
N SER A 24 -11.59 5.28 13.85
CA SER A 24 -13.02 5.11 13.71
C SER A 24 -13.40 3.73 14.24
N VAL A 25 -14.54 3.64 14.90
CA VAL A 25 -15.00 2.38 15.47
C VAL A 25 -16.39 2.02 14.98
N ARG A 26 -16.55 0.78 14.55
CA ARG A 26 -17.84 0.29 14.08
C ARG A 26 -18.29 -0.84 15.00
N ARG A 27 -19.37 -0.62 15.74
CA ARG A 27 -19.91 -1.63 16.64
C ARG A 27 -21.02 -2.35 15.88
N LEU A 28 -21.46 -3.48 16.44
CA LEU A 28 -22.52 -4.26 15.82
C LEU A 28 -23.75 -3.37 15.59
N SER A 29 -23.96 -2.42 16.49
CA SER A 29 -25.11 -1.50 16.39
C SER A 29 -24.98 -0.53 15.22
N ASP A 30 -23.79 -0.41 14.66
CA ASP A 30 -23.57 0.47 13.52
C ASP A 30 -23.78 -0.31 12.22
N MET A 31 -24.14 -1.58 12.37
CA MET A 31 -24.38 -2.45 11.22
C MET A 31 -25.78 -3.07 11.23
N LYS A 32 -26.80 -2.25 11.48
CA LYS A 32 -28.16 -2.75 11.50
C LYS A 32 -28.62 -3.17 10.11
N GLY A 33 -29.12 -4.39 10.00
CA GLY A 33 -29.59 -4.90 8.73
C GLY A 33 -28.52 -5.37 7.77
N TYR A 34 -27.31 -5.59 8.28
CA TYR A 34 -26.23 -6.08 7.44
C TYR A 34 -26.08 -7.59 7.49
N PHE A 35 -26.44 -8.18 8.63
CA PHE A 35 -26.34 -9.61 8.82
C PHE A 35 -27.68 -10.30 8.55
N ILE A 36 -27.65 -11.56 8.15
CA ILE A 36 -28.86 -12.29 7.82
C ILE A 36 -29.72 -12.65 9.03
N ASP A 37 -29.08 -13.09 10.11
CA ASP A 37 -29.79 -13.48 11.32
C ASP A 37 -30.04 -12.24 12.18
N GLU A 38 -31.10 -11.49 11.88
CA GLU A 38 -31.38 -10.26 12.61
C GLU A 38 -31.74 -10.45 14.07
N GLU A 39 -32.12 -11.67 14.45
CA GLU A 39 -32.45 -11.93 15.85
C GLU A 39 -31.17 -12.15 16.64
N ALA A 40 -30.23 -12.86 16.03
CA ALA A 40 -28.94 -13.11 16.68
C ALA A 40 -28.25 -11.77 16.84
N TRP A 41 -28.43 -10.91 15.83
CA TRP A 41 -27.85 -9.57 15.83
C TRP A 41 -28.38 -8.77 17.02
N LYS A 42 -29.70 -8.71 17.13
CA LYS A 42 -30.34 -7.98 18.22
C LYS A 42 -29.85 -8.49 19.57
N LYS A 43 -29.79 -9.82 19.72
CA LYS A 43 -29.34 -10.43 20.95
C LYS A 43 -27.91 -10.03 21.32
N MET A 44 -27.01 -10.02 20.34
CA MET A 44 -25.64 -9.65 20.62
C MET A 44 -25.48 -8.17 20.95
N VAL A 45 -26.35 -7.34 20.39
CA VAL A 45 -26.26 -5.91 20.67
C VAL A 45 -26.69 -5.68 22.12
N GLU A 46 -27.82 -6.28 22.50
CA GLU A 46 -28.31 -6.14 23.87
C GLU A 46 -27.34 -6.72 24.88
N GLU A 47 -26.68 -7.82 24.50
CA GLU A 47 -25.74 -8.48 25.38
C GLU A 47 -24.41 -7.74 25.55
N GLY A 48 -24.14 -6.77 24.68
CA GLY A 48 -22.89 -6.04 24.80
C GLY A 48 -22.53 -5.11 23.64
N ASP A 49 -23.12 -5.35 22.47
CA ASP A 49 -22.85 -4.52 21.30
C ASP A 49 -21.33 -4.38 21.09
N PRO A 50 -20.65 -5.51 20.86
CA PRO A 50 -19.21 -5.53 20.64
C PRO A 50 -18.73 -4.77 19.42
N VAL A 51 -17.45 -4.40 19.44
CA VAL A 51 -16.84 -3.70 18.31
C VAL A 51 -16.56 -4.74 17.23
N VAL A 52 -16.96 -4.44 16.00
CA VAL A 52 -16.72 -5.36 14.89
C VAL A 52 -15.34 -5.05 14.31
N TYR A 53 -15.07 -3.78 14.07
CA TYR A 53 -13.77 -3.38 13.54
C TYR A 53 -13.44 -1.93 13.80
N GLU A 54 -12.14 -1.64 13.86
CA GLU A 54 -11.65 -0.28 14.07
C GLU A 54 -10.85 0.10 12.83
N VAL A 55 -10.83 1.38 12.50
CA VAL A 55 -10.10 1.87 11.32
C VAL A 55 -9.20 3.04 11.68
N TYR A 56 -7.94 2.98 11.24
CA TYR A 56 -6.97 4.03 11.48
C TYR A 56 -6.61 4.60 10.11
N ALA A 57 -7.14 5.78 9.79
CA ALA A 57 -6.93 6.38 8.48
C ALA A 57 -6.22 7.73 8.39
N ILE A 58 -5.47 7.89 7.30
CA ILE A 58 -4.74 9.13 6.99
C ILE A 58 -5.19 9.45 5.56
N GLU A 59 -6.07 10.44 5.45
CA GLU A 59 -6.62 10.83 4.17
C GLU A 59 -6.31 12.28 3.80
N GLN A 60 -6.22 12.52 2.50
CA GLN A 60 -5.93 13.85 1.98
C GLN A 60 -7.22 14.43 1.41
N GLU A 61 -7.14 15.61 0.81
CA GLU A 61 -8.32 16.22 0.19
C GLU A 61 -8.70 15.33 -1.00
N GLU A 62 -9.97 15.37 -1.40
CA GLU A 62 -10.45 14.57 -2.51
C GLU A 62 -10.07 15.13 -3.87
N LYS A 63 -8.78 15.06 -4.19
CA LYS A 63 -8.29 15.57 -5.46
C LYS A 63 -7.70 14.43 -6.28
N GLU A 64 -7.86 14.53 -7.59
CA GLU A 64 -7.38 13.52 -8.52
C GLU A 64 -5.89 13.26 -8.34
N GLY A 65 -5.50 11.99 -8.47
CA GLY A 65 -4.10 11.62 -8.35
C GLY A 65 -3.46 11.50 -6.98
N ASP A 66 -4.17 11.88 -5.92
CA ASP A 66 -3.60 11.78 -4.57
C ASP A 66 -4.00 10.42 -4.00
N LEU A 67 -3.44 10.07 -2.84
CA LEU A 67 -3.71 8.78 -2.21
C LEU A 67 -4.01 8.81 -0.72
N ASN A 68 -4.85 7.88 -0.28
CA ASN A 68 -5.20 7.71 1.12
C ASN A 68 -4.78 6.29 1.53
N PHE A 69 -4.64 6.05 2.83
CA PHE A 69 -4.32 4.71 3.31
C PHE A 69 -4.87 4.55 4.73
N ALA A 70 -5.13 3.31 5.11
CA ALA A 70 -5.70 3.05 6.43
C ALA A 70 -5.62 1.58 6.80
N THR A 71 -5.44 1.32 8.09
CA THR A 71 -5.42 -0.06 8.55
C THR A 71 -6.79 -0.33 9.15
N THR A 72 -7.15 -1.60 9.18
CA THR A 72 -8.41 -2.03 9.75
C THR A 72 -8.11 -3.20 10.67
N VAL A 73 -8.73 -3.19 11.84
CA VAL A 73 -8.57 -4.27 12.81
C VAL A 73 -9.96 -4.88 12.89
N LEU A 74 -10.13 -6.02 12.23
CA LEU A 74 -11.42 -6.71 12.19
C LEU A 74 -11.41 -7.83 13.21
N TYR A 75 -12.14 -7.61 14.30
CA TYR A 75 -12.19 -8.59 15.39
C TYR A 75 -12.92 -9.88 15.02
N PRO A 76 -12.54 -11.00 15.67
CA PRO A 76 -13.15 -12.30 15.41
C PRO A 76 -14.56 -12.44 16.00
N GLY A 77 -15.40 -13.22 15.35
CA GLY A 77 -16.75 -13.41 15.85
C GLY A 77 -17.75 -13.78 14.79
N LYS A 78 -18.95 -14.12 15.23
CA LYS A 78 -20.02 -14.49 14.30
C LYS A 78 -21.37 -14.00 14.79
N VAL A 79 -22.24 -13.69 13.83
CA VAL A 79 -23.60 -13.26 14.13
C VAL A 79 -24.36 -14.51 13.68
N GLY A 80 -24.58 -15.42 14.62
CA GLY A 80 -25.23 -16.68 14.27
C GLY A 80 -24.10 -17.50 13.68
N ASN A 81 -24.17 -17.79 12.38
CA ASN A 81 -23.11 -18.57 11.74
C ASN A 81 -22.35 -17.72 10.71
N GLU A 82 -22.69 -16.44 10.63
CA GLU A 82 -22.05 -15.52 9.69
C GLU A 82 -20.89 -14.76 10.33
N PHE A 83 -19.71 -14.86 9.72
CA PHE A 83 -18.50 -14.22 10.23
C PHE A 83 -18.53 -12.70 10.29
N PHE A 84 -17.84 -12.14 11.28
CA PHE A 84 -17.75 -10.69 11.43
C PHE A 84 -17.16 -10.19 10.12
N MET A 85 -17.61 -9.03 9.68
CA MET A 85 -17.18 -8.48 8.39
C MET A 85 -17.32 -6.95 8.37
N THR A 86 -16.71 -6.31 7.38
CA THR A 86 -16.81 -4.86 7.26
C THR A 86 -18.14 -4.59 6.54
N LYS A 87 -18.57 -3.33 6.55
CA LYS A 87 -19.81 -2.96 5.90
C LYS A 87 -19.77 -3.21 4.40
N GLY A 88 -18.64 -2.90 3.78
CA GLY A 88 -18.50 -3.11 2.33
C GLY A 88 -19.01 -1.91 1.55
N HIS A 89 -18.43 -1.66 0.38
CA HIS A 89 -18.83 -0.52 -0.43
C HIS A 89 -18.27 -0.52 -1.84
N TYR A 90 -18.81 0.36 -2.67
CA TYR A 90 -18.31 0.59 -4.03
C TYR A 90 -17.65 1.95 -3.81
N HIS A 91 -16.88 2.42 -4.78
CA HIS A 91 -16.28 3.73 -4.66
C HIS A 91 -17.27 4.74 -5.26
N SER A 92 -17.24 5.97 -4.76
CA SER A 92 -18.13 7.05 -5.24
C SER A 92 -17.81 7.23 -6.73
N LYS A 93 -16.52 7.32 -7.04
CA LYS A 93 -16.03 7.39 -8.42
C LYS A 93 -15.78 5.89 -8.56
N ILE A 94 -16.80 5.21 -9.06
CA ILE A 94 -16.78 3.75 -9.17
C ILE A 94 -15.64 3.06 -9.92
N ASP A 95 -14.91 3.79 -10.77
CA ASP A 95 -13.81 3.16 -11.50
C ASP A 95 -12.44 3.28 -10.81
N ARG A 96 -12.44 3.60 -9.52
CA ARG A 96 -11.17 3.70 -8.80
C ARG A 96 -10.88 2.31 -8.21
N ALA A 97 -9.62 1.93 -8.19
CA ALA A 97 -9.24 0.63 -7.65
C ALA A 97 -8.77 0.76 -6.21
N GLU A 98 -8.32 -0.35 -5.64
CA GLU A 98 -7.78 -0.36 -4.29
C GLU A 98 -6.86 -1.56 -4.15
N VAL A 99 -5.89 -1.43 -3.26
CA VAL A 99 -4.96 -2.53 -3.01
C VAL A 99 -4.92 -2.78 -1.50
N TYR A 100 -5.06 -4.04 -1.13
CA TYR A 100 -5.03 -4.45 0.28
C TYR A 100 -3.78 -5.29 0.55
N PHE A 101 -3.24 -5.18 1.76
CA PHE A 101 -2.05 -5.94 2.15
C PHE A 101 -2.37 -6.52 3.54
N ALA A 102 -2.48 -7.84 3.63
CA ALA A 102 -2.81 -8.51 4.89
C ALA A 102 -1.59 -8.56 5.80
N LEU A 103 -1.77 -8.21 7.07
CA LEU A 103 -0.66 -8.17 8.00
C LEU A 103 -0.72 -9.22 9.12
N LYS A 104 -1.92 -9.50 9.64
CA LYS A 104 -2.05 -10.45 10.72
C LYS A 104 -3.42 -11.15 10.73
N GLY A 105 -3.44 -12.41 11.17
CA GLY A 105 -4.69 -13.15 11.21
C GLY A 105 -5.04 -13.79 9.88
N LYS A 106 -6.31 -14.22 9.78
CA LYS A 106 -6.79 -14.85 8.57
C LYS A 106 -8.22 -14.47 8.20
N GLY A 107 -8.51 -14.47 6.92
CA GLY A 107 -9.85 -14.14 6.48
C GLY A 107 -9.84 -14.15 4.97
N GLY A 108 -10.67 -13.30 4.38
CA GLY A 108 -10.72 -13.25 2.93
C GLY A 108 -11.49 -12.03 2.50
N MET A 109 -11.50 -11.79 1.20
CA MET A 109 -12.23 -10.64 0.69
C MET A 109 -13.35 -11.08 -0.22
N LEU A 110 -14.55 -10.52 -0.01
CA LEU A 110 -15.67 -10.84 -0.87
C LEU A 110 -15.83 -9.64 -1.79
N LEU A 111 -15.87 -9.90 -3.09
CA LEU A 111 -16.05 -8.83 -4.05
C LEU A 111 -17.21 -9.18 -4.96
N GLN A 112 -17.79 -8.16 -5.59
CA GLN A 112 -18.88 -8.37 -6.53
C GLN A 112 -18.98 -7.18 -7.47
N THR A 113 -19.51 -7.46 -8.66
CA THR A 113 -19.71 -6.45 -9.70
C THR A 113 -21.11 -5.89 -9.45
N PRO A 114 -21.47 -4.78 -10.12
CA PRO A 114 -22.80 -4.20 -9.94
C PRO A 114 -23.91 -5.18 -10.30
N GLU A 115 -23.54 -6.23 -11.05
CA GLU A 115 -24.50 -7.25 -11.45
C GLU A 115 -24.64 -8.34 -10.41
N GLY A 116 -23.71 -8.36 -9.45
CA GLY A 116 -23.76 -9.36 -8.41
C GLY A 116 -22.81 -10.52 -8.64
N GLU A 117 -22.03 -10.47 -9.71
CA GLU A 117 -21.05 -11.53 -9.98
C GLU A 117 -20.05 -11.48 -8.83
N ALA A 118 -19.91 -12.60 -8.12
CA ALA A 118 -19.05 -12.65 -6.94
C ALA A 118 -17.71 -13.38 -7.06
N ARG A 119 -16.81 -13.03 -6.14
CA ARG A 119 -15.48 -13.62 -6.06
C ARG A 119 -15.10 -13.58 -4.58
N PHE A 120 -14.42 -14.62 -4.11
CA PHE A 120 -13.95 -14.67 -2.72
C PHE A 120 -12.48 -15.06 -2.73
N ILE A 121 -11.63 -14.14 -2.28
CA ILE A 121 -10.19 -14.34 -2.24
C ILE A 121 -9.68 -14.54 -0.82
N GLU A 122 -9.02 -15.67 -0.60
CA GLU A 122 -8.49 -15.97 0.72
C GLU A 122 -7.30 -15.08 1.03
N MET A 123 -7.18 -14.68 2.29
CA MET A 123 -6.10 -13.82 2.71
C MET A 123 -5.43 -14.34 3.99
N GLU A 124 -4.11 -14.26 4.02
CA GLU A 124 -3.32 -14.66 5.19
C GLU A 124 -2.17 -13.66 5.24
N PRO A 125 -1.40 -13.63 6.34
CA PRO A 125 -0.30 -12.65 6.38
C PRO A 125 0.55 -12.66 5.11
N GLY A 126 0.71 -11.48 4.51
CA GLY A 126 1.51 -11.38 3.30
C GLY A 126 0.71 -11.30 2.01
N THR A 127 -0.57 -11.63 2.08
CA THR A 127 -1.39 -11.58 0.88
C THR A 127 -1.67 -10.15 0.45
N ILE A 128 -1.48 -9.87 -0.83
CA ILE A 128 -1.80 -8.56 -1.39
C ILE A 128 -2.99 -8.86 -2.30
N VAL A 129 -4.05 -8.05 -2.19
CA VAL A 129 -5.24 -8.25 -3.02
C VAL A 129 -5.48 -7.01 -3.85
N TYR A 130 -5.75 -7.23 -5.13
CA TYR A 130 -6.02 -6.16 -6.06
C TYR A 130 -7.55 -6.06 -6.28
N VAL A 131 -8.13 -4.93 -5.89
CA VAL A 131 -9.56 -4.70 -6.07
C VAL A 131 -9.66 -3.83 -7.31
N PRO A 132 -10.09 -4.41 -8.44
CA PRO A 132 -10.19 -3.66 -9.69
C PRO A 132 -11.30 -2.62 -9.72
N PRO A 133 -11.23 -1.71 -10.70
CA PRO A 133 -12.24 -0.66 -10.86
C PRO A 133 -13.60 -1.37 -10.94
N TYR A 134 -14.66 -0.70 -10.51
CA TYR A 134 -16.03 -1.23 -10.56
C TYR A 134 -16.46 -2.30 -9.56
N TRP A 135 -15.52 -2.91 -8.85
CA TRP A 135 -15.87 -3.96 -7.89
C TRP A 135 -16.13 -3.50 -6.45
N ALA A 136 -17.27 -3.89 -5.87
CA ALA A 136 -17.54 -3.57 -4.48
C ALA A 136 -16.72 -4.60 -3.70
N HIS A 137 -16.37 -4.31 -2.45
CA HIS A 137 -15.58 -5.27 -1.67
C HIS A 137 -15.87 -5.17 -0.18
N ARG A 138 -15.79 -6.32 0.48
CA ARG A 138 -16.03 -6.46 1.90
C ARG A 138 -15.02 -7.47 2.43
N THR A 139 -14.47 -7.22 3.61
CA THR A 139 -13.51 -8.13 4.19
C THR A 139 -14.19 -8.96 5.26
N ILE A 140 -13.79 -10.22 5.39
CA ILE A 140 -14.38 -11.16 6.33
C ILE A 140 -13.31 -11.80 7.22
N ASN A 141 -13.58 -11.91 8.50
CA ASN A 141 -12.62 -12.55 9.40
C ASN A 141 -13.14 -13.97 9.64
N THR A 142 -12.44 -14.96 9.10
CA THR A 142 -12.85 -16.35 9.27
C THR A 142 -12.05 -17.10 10.32
N GLY A 143 -11.32 -16.37 11.15
CA GLY A 143 -10.51 -16.99 12.20
C GLY A 143 -10.97 -16.65 13.61
N ASP A 144 -10.14 -16.97 14.59
CA ASP A 144 -10.48 -16.69 15.99
C ASP A 144 -9.62 -15.58 16.57
N LYS A 145 -8.69 -15.06 15.76
CA LYS A 145 -7.81 -13.97 16.16
C LYS A 145 -8.12 -12.74 15.28
N PRO A 146 -7.72 -11.55 15.72
CA PRO A 146 -7.98 -10.36 14.91
C PRO A 146 -7.36 -10.48 13.52
N PHE A 147 -8.05 -9.94 12.53
CA PHE A 147 -7.58 -9.96 11.16
C PHE A 147 -7.22 -8.51 10.87
N ILE A 148 -5.92 -8.25 10.67
CA ILE A 148 -5.43 -6.89 10.45
C ILE A 148 -4.87 -6.68 9.04
N PHE A 149 -5.23 -5.58 8.40
CA PHE A 149 -4.75 -5.32 7.06
C PHE A 149 -4.65 -3.83 6.74
N LEU A 150 -3.83 -3.51 5.73
CA LEU A 150 -3.61 -2.13 5.29
C LEU A 150 -4.29 -1.92 3.93
N ALA A 151 -5.01 -0.81 3.77
CA ALA A 151 -5.68 -0.52 2.51
C ALA A 151 -5.16 0.78 1.94
N LEU A 152 -4.93 0.79 0.64
CA LEU A 152 -4.42 1.98 -0.04
C LEU A 152 -5.39 2.25 -1.20
N TYR A 153 -5.89 3.48 -1.29
CA TYR A 153 -6.86 3.83 -2.33
C TYR A 153 -6.78 5.30 -2.75
N PRO A 154 -7.23 5.62 -3.99
CA PRO A 154 -7.19 7.00 -4.48
C PRO A 154 -7.94 7.96 -3.57
N ALA A 155 -7.38 9.16 -3.36
CA ALA A 155 -7.99 10.15 -2.50
C ALA A 155 -9.36 10.61 -2.98
N ASP A 156 -9.65 10.46 -4.26
CA ASP A 156 -10.93 10.89 -4.79
C ASP A 156 -11.91 9.74 -5.09
N ALA A 157 -11.63 8.55 -4.56
CA ALA A 157 -12.47 7.38 -4.77
C ALA A 157 -13.81 7.48 -4.03
N GLY A 158 -13.78 8.02 -2.82
CA GLY A 158 -14.99 8.15 -2.03
C GLY A 158 -15.58 6.80 -1.66
N HIS A 159 -16.76 6.82 -1.03
CA HIS A 159 -17.41 5.58 -0.62
C HIS A 159 -18.91 5.56 -0.92
N ASP A 160 -19.39 4.49 -1.53
CA ASP A 160 -20.82 4.33 -1.75
C ASP A 160 -21.22 3.16 -0.85
N TYR A 161 -21.57 3.47 0.39
CA TYR A 161 -22.02 2.47 1.36
C TYR A 161 -23.49 2.15 1.14
N GLY A 162 -24.22 3.15 0.65
CA GLY A 162 -25.65 3.02 0.41
C GLY A 162 -26.18 1.79 -0.31
N THR A 163 -25.63 1.49 -1.49
CA THR A 163 -26.08 0.34 -2.26
C THR A 163 -26.03 -0.94 -1.44
N ILE A 164 -24.92 -1.14 -0.74
CA ILE A 164 -24.73 -2.32 0.09
C ILE A 164 -25.69 -2.32 1.29
N ALA A 165 -25.81 -1.18 1.94
CA ALA A 165 -26.69 -1.06 3.09
C ALA A 165 -28.08 -1.54 2.69
N GLU A 166 -28.50 -1.11 1.52
CA GLU A 166 -29.81 -1.45 0.97
C GLU A 166 -29.97 -2.91 0.56
N LYS A 167 -29.15 -3.37 -0.38
CA LYS A 167 -29.25 -4.73 -0.89
C LYS A 167 -28.27 -5.78 -0.37
N GLY A 168 -27.12 -5.34 0.15
CA GLY A 168 -26.14 -6.29 0.65
C GLY A 168 -25.39 -6.95 -0.50
N PHE A 169 -24.57 -7.95 -0.18
CA PHE A 169 -23.80 -8.66 -1.19
C PHE A 169 -24.60 -9.89 -1.66
N SER A 170 -24.29 -10.36 -2.87
CA SER A 170 -24.99 -11.52 -3.45
C SER A 170 -24.68 -12.82 -2.73
N LYS A 171 -23.59 -12.82 -1.96
CA LYS A 171 -23.19 -14.01 -1.22
C LYS A 171 -22.94 -13.64 0.25
N ILE A 172 -23.08 -14.62 1.13
CA ILE A 172 -22.79 -14.43 2.54
C ILE A 172 -21.74 -15.49 2.87
N VAL A 173 -20.88 -15.20 3.83
CA VAL A 173 -19.83 -16.13 4.22
C VAL A 173 -20.14 -16.67 5.61
N VAL A 174 -20.39 -17.98 5.69
CA VAL A 174 -20.71 -18.61 6.96
C VAL A 174 -19.86 -19.82 7.29
N GLU A 175 -20.05 -20.35 8.50
CA GLU A 175 -19.32 -21.51 8.96
C GLU A 175 -20.26 -22.70 9.06
N GLU A 176 -19.86 -23.82 8.46
CA GLU A 176 -20.64 -25.04 8.47
C GLU A 176 -19.64 -26.16 8.18
N ASN A 177 -19.01 -26.68 9.22
CA ASN A 177 -18.00 -27.73 9.07
C ASN A 177 -16.85 -27.17 8.25
N GLY A 178 -16.85 -25.84 8.10
CA GLY A 178 -15.82 -25.15 7.33
C GLY A 178 -16.37 -23.84 6.81
N LYS A 179 -15.56 -23.12 6.04
CA LYS A 179 -15.96 -21.83 5.48
C LYS A 179 -16.80 -22.03 4.23
N VAL A 180 -18.02 -21.51 4.25
CA VAL A 180 -18.92 -21.65 3.12
C VAL A 180 -19.41 -20.32 2.55
N VAL A 181 -19.23 -20.15 1.24
CA VAL A 181 -19.68 -18.95 0.55
C VAL A 181 -20.91 -19.37 -0.23
N VAL A 182 -22.07 -18.89 0.20
CA VAL A 182 -23.33 -19.23 -0.44
C VAL A 182 -24.16 -18.02 -0.80
N LYS A 183 -25.19 -18.24 -1.62
CA LYS A 183 -26.07 -17.17 -2.06
C LYS A 183 -26.73 -16.47 -0.87
N ASP A 184 -26.93 -15.16 -1.04
CA ASP A 184 -27.56 -14.34 -0.01
C ASP A 184 -29.07 -14.23 -0.30
N ASN A 185 -29.86 -14.81 0.57
CA ASN A 185 -31.32 -14.85 0.46
C ASN A 185 -31.99 -13.50 0.23
N PRO A 186 -31.62 -12.46 0.99
CA PRO A 186 -32.22 -11.14 0.81
C PRO A 186 -31.71 -10.40 -0.42
N LYS A 187 -30.53 -10.76 -0.89
CA LYS A 187 -29.95 -10.12 -2.07
C LYS A 187 -30.91 -10.16 -3.25
N TYR B 3 -15.08 -6.20 -17.08
CA TYR B 3 -14.50 -5.98 -15.71
C TYR B 3 -13.20 -6.79 -15.56
N LYS B 4 -12.17 -6.16 -15.00
CA LYS B 4 -10.91 -6.86 -14.78
C LYS B 4 -11.09 -7.83 -13.61
N GLU B 5 -10.18 -8.79 -13.52
CA GLU B 5 -10.24 -9.82 -12.49
C GLU B 5 -9.53 -9.50 -11.19
N PRO B 6 -10.24 -9.65 -10.06
CA PRO B 6 -9.56 -9.37 -8.80
C PRO B 6 -8.62 -10.55 -8.53
N PHE B 7 -7.58 -10.34 -7.74
CA PHE B 7 -6.67 -11.43 -7.46
C PHE B 7 -5.86 -11.21 -6.21
N GLY B 8 -5.29 -12.30 -5.71
CA GLY B 8 -4.43 -12.22 -4.54
C GLY B 8 -3.09 -12.83 -4.93
N VAL B 9 -2.01 -12.28 -4.39
CA VAL B 9 -0.68 -12.81 -4.63
C VAL B 9 0.10 -12.70 -3.32
N LYS B 10 0.96 -13.67 -3.06
CA LYS B 10 1.72 -13.67 -1.81
C LYS B 10 3.02 -12.86 -1.84
N LEU B 11 3.20 -12.04 -0.79
CA LEU B 11 4.42 -11.24 -0.66
C LEU B 11 5.22 -11.93 0.44
N ASP B 12 6.50 -12.17 0.18
CA ASP B 12 7.36 -12.82 1.16
C ASP B 12 8.01 -11.73 2.01
N PHE B 13 7.60 -11.64 3.27
CA PHE B 13 8.12 -10.62 4.18
C PHE B 13 9.63 -10.62 4.33
N GLU B 14 10.26 -11.76 4.08
CA GLU B 14 11.71 -11.87 4.21
C GLU B 14 12.54 -11.52 2.98
N THR B 15 12.08 -11.93 1.80
CA THR B 15 12.83 -11.65 0.57
C THR B 15 12.22 -10.51 -0.21
N GLY B 16 10.97 -10.17 0.08
CA GLY B 16 10.33 -9.08 -0.62
C GLY B 16 9.77 -9.52 -1.96
N ILE B 17 10.01 -10.78 -2.32
CA ILE B 17 9.53 -11.31 -3.59
C ILE B 17 7.99 -11.39 -3.61
N ILE B 18 7.40 -10.94 -4.71
CA ILE B 18 5.95 -11.00 -4.87
C ILE B 18 5.60 -12.04 -5.92
N GLU B 19 4.79 -13.00 -5.52
CA GLU B 19 4.33 -14.08 -6.38
C GLU B 19 3.70 -13.52 -7.67
N ASN B 20 4.10 -14.09 -8.80
CA ASN B 20 3.60 -13.70 -10.13
C ASN B 20 3.94 -12.29 -10.63
N ALA B 21 4.87 -11.62 -9.98
CA ALA B 21 5.24 -10.27 -10.40
C ALA B 21 6.32 -10.24 -11.50
N LYS B 22 6.47 -9.08 -12.13
CA LYS B 22 7.47 -8.91 -13.17
C LYS B 22 8.75 -8.45 -12.46
N LYS B 23 9.86 -9.11 -12.76
CA LYS B 23 11.13 -8.78 -12.14
C LYS B 23 12.03 -7.96 -13.04
N SER B 24 12.76 -7.02 -12.45
CA SER B 24 13.68 -6.17 -13.20
C SER B 24 14.93 -5.95 -12.36
N VAL B 25 16.05 -5.69 -13.02
CA VAL B 25 17.32 -5.47 -12.34
C VAL B 25 18.06 -4.24 -12.87
N ARG B 26 18.68 -3.49 -11.97
CA ARG B 26 19.43 -2.31 -12.34
C ARG B 26 20.85 -2.42 -11.79
N ARG B 27 21.83 -2.32 -12.67
CA ARG B 27 23.24 -2.40 -12.27
C ARG B 27 23.87 -1.03 -12.35
N LEU B 28 25.08 -0.90 -11.81
CA LEU B 28 25.77 0.38 -11.82
C LEU B 28 25.87 0.91 -13.25
N SER B 29 26.11 0.01 -14.19
CA SER B 29 26.22 0.39 -15.60
C SER B 29 24.93 1.04 -16.09
N ASP B 30 23.81 0.67 -15.48
CA ASP B 30 22.52 1.23 -15.85
C ASP B 30 22.33 2.60 -15.20
N MET B 31 23.30 3.02 -14.40
CA MET B 31 23.21 4.30 -13.71
C MET B 31 24.38 5.23 -14.00
N LYS B 32 24.67 5.43 -15.28
CA LYS B 32 25.76 6.32 -15.66
C LYS B 32 25.33 7.76 -15.40
N GLY B 33 26.21 8.52 -14.76
CA GLY B 33 25.92 9.91 -14.47
C GLY B 33 24.93 10.15 -13.35
N TYR B 34 24.86 9.23 -12.39
CA TYR B 34 23.94 9.40 -11.27
C TYR B 34 24.68 9.66 -9.96
N PHE B 35 25.90 9.14 -9.86
CA PHE B 35 26.72 9.32 -8.68
C PHE B 35 27.74 10.42 -8.94
N ILE B 36 28.19 11.06 -7.87
CA ILE B 36 29.15 12.15 -7.99
C ILE B 36 30.60 11.71 -8.26
N ASP B 37 31.05 10.65 -7.58
CA ASP B 37 32.41 10.15 -7.76
C ASP B 37 32.50 9.35 -9.06
N GLU B 38 32.59 10.07 -10.17
CA GLU B 38 32.66 9.46 -11.49
C GLU B 38 33.72 8.38 -11.68
N GLU B 39 34.87 8.55 -11.04
CA GLU B 39 35.95 7.56 -11.15
C GLU B 39 35.61 6.26 -10.44
N ALA B 40 35.08 6.37 -9.23
CA ALA B 40 34.72 5.19 -8.45
C ALA B 40 33.66 4.38 -9.20
N TRP B 41 32.88 5.07 -10.03
CA TRP B 41 31.85 4.41 -10.83
C TRP B 41 32.53 3.55 -11.88
N LYS B 42 33.37 4.17 -12.70
CA LYS B 42 34.10 3.47 -13.76
C LYS B 42 34.76 2.22 -13.20
N LYS B 43 35.45 2.38 -12.07
CA LYS B 43 36.14 1.27 -11.43
C LYS B 43 35.21 0.13 -11.07
N MET B 44 34.19 0.41 -10.26
CA MET B 44 33.24 -0.62 -9.83
C MET B 44 32.55 -1.30 -11.00
N VAL B 45 32.37 -0.58 -12.11
CA VAL B 45 31.74 -1.16 -13.29
C VAL B 45 32.71 -2.15 -13.95
N GLU B 46 33.99 -1.78 -14.00
CA GLU B 46 34.99 -2.66 -14.59
C GLU B 46 35.19 -3.86 -13.67
N GLU B 47 35.02 -3.63 -12.38
CA GLU B 47 35.15 -4.67 -11.36
C GLU B 47 33.92 -5.58 -11.39
N GLY B 48 33.14 -5.45 -12.45
CA GLY B 48 31.94 -6.25 -12.58
C GLY B 48 30.77 -5.54 -11.93
N ASP B 49 30.30 -4.46 -12.58
CA ASP B 49 29.19 -3.66 -12.06
C ASP B 49 28.14 -4.54 -11.41
N PRO B 50 28.10 -4.54 -10.07
CA PRO B 50 27.14 -5.35 -9.31
C PRO B 50 25.73 -4.77 -9.40
N VAL B 51 24.78 -5.51 -8.84
CA VAL B 51 23.39 -5.11 -8.85
C VAL B 51 23.10 -4.10 -7.74
N VAL B 52 22.45 -3.00 -8.09
CA VAL B 52 22.10 -1.97 -7.12
C VAL B 52 20.73 -2.28 -6.53
N TYR B 53 19.75 -2.61 -7.38
CA TYR B 53 18.42 -2.94 -6.89
C TYR B 53 17.57 -3.75 -7.85
N GLU B 54 16.64 -4.52 -7.28
CA GLU B 54 15.71 -5.36 -8.05
C GLU B 54 14.27 -4.96 -7.72
N VAL B 55 13.39 -5.03 -8.72
CA VAL B 55 12.00 -4.66 -8.54
C VAL B 55 11.03 -5.75 -8.98
N TYR B 56 10.04 -6.02 -8.13
CA TYR B 56 9.01 -7.02 -8.41
C TYR B 56 7.74 -6.21 -8.56
N ALA B 57 7.35 -5.96 -9.81
CA ALA B 57 6.17 -5.14 -10.09
C ALA B 57 4.95 -5.82 -10.71
N ILE B 58 3.78 -5.26 -10.39
CA ILE B 58 2.50 -5.73 -10.93
C ILE B 58 1.79 -4.43 -11.28
N GLU B 59 1.69 -4.16 -12.58
CA GLU B 59 1.10 -2.93 -13.05
C GLU B 59 -0.14 -3.09 -13.93
N GLN B 60 -0.93 -2.03 -13.99
CA GLN B 60 -2.15 -2.00 -14.79
C GLN B 60 -1.92 -1.01 -15.95
N GLU B 61 -2.88 -0.93 -16.87
CA GLU B 61 -2.73 0.01 -17.97
C GLU B 61 -2.82 1.43 -17.43
N GLU B 62 -2.13 2.35 -18.09
CA GLU B 62 -2.11 3.75 -17.69
C GLU B 62 -3.52 4.35 -17.75
N LYS B 63 -4.28 4.18 -16.69
CA LYS B 63 -5.65 4.69 -16.63
C LYS B 63 -5.89 5.43 -15.31
N GLU B 64 -6.63 6.53 -15.40
CA GLU B 64 -6.95 7.33 -14.23
C GLU B 64 -7.72 6.53 -13.17
N GLY B 65 -7.33 6.69 -11.91
CA GLY B 65 -8.02 5.99 -10.83
C GLY B 65 -7.59 4.58 -10.52
N ASP B 66 -6.70 4.02 -11.33
CA ASP B 66 -6.23 2.64 -11.10
C ASP B 66 -4.93 2.65 -10.32
N LEU B 67 -4.48 1.47 -9.88
CA LEU B 67 -3.26 1.39 -9.07
C LEU B 67 -2.23 0.33 -9.44
N ASN B 68 -0.96 0.69 -9.26
CA ASN B 68 0.17 -0.19 -9.52
C ASN B 68 0.90 -0.38 -8.18
N PHE B 69 1.57 -1.51 -8.02
CA PHE B 69 2.33 -1.73 -6.79
C PHE B 69 3.56 -2.57 -7.08
N ALA B 70 4.57 -2.43 -6.24
CA ALA B 70 5.82 -3.16 -6.44
C ALA B 70 6.76 -3.09 -5.25
N THR B 71 7.54 -4.14 -5.06
CA THR B 71 8.54 -4.17 -4.00
C THR B 71 9.87 -3.91 -4.66
N THR B 72 10.78 -3.28 -3.92
CA THR B 72 12.12 -3.01 -4.42
C THR B 72 13.08 -3.59 -3.39
N VAL B 73 14.15 -4.22 -3.88
CA VAL B 73 15.17 -4.78 -3.01
C VAL B 73 16.40 -3.93 -3.30
N LEU B 74 16.68 -2.99 -2.39
CA LEU B 74 17.82 -2.09 -2.56
C LEU B 74 19.02 -2.61 -1.77
N TYR B 75 19.98 -3.18 -2.49
CA TYR B 75 21.18 -3.73 -1.90
C TYR B 75 22.13 -2.70 -1.30
N PRO B 76 22.90 -3.12 -0.28
CA PRO B 76 23.87 -2.25 0.40
C PRO B 76 25.15 -1.98 -0.41
N GLY B 77 25.82 -0.86 -0.12
CA GLY B 77 27.06 -0.52 -0.83
C GLY B 77 27.25 0.98 -1.04
N LYS B 78 28.37 1.35 -1.67
CA LYS B 78 28.65 2.76 -1.93
C LYS B 78 29.53 3.04 -3.16
N VAL B 79 29.28 4.19 -3.78
CA VAL B 79 30.04 4.64 -4.93
C VAL B 79 30.82 5.80 -4.32
N GLY B 80 32.01 5.49 -3.79
CA GLY B 80 32.82 6.50 -3.13
C GLY B 80 32.31 6.45 -1.69
N ASN B 81 31.63 7.51 -1.26
CA ASN B 81 31.06 7.54 0.07
C ASN B 81 29.56 7.76 -0.04
N GLU B 82 29.07 7.73 -1.28
CA GLU B 82 27.65 7.92 -1.59
C GLU B 82 26.87 6.60 -1.63
N PHE B 83 25.99 6.40 -0.65
CA PHE B 83 25.16 5.20 -0.51
C PHE B 83 24.43 4.75 -1.78
N PHE B 84 24.21 3.43 -1.88
CA PHE B 84 23.47 2.84 -3.01
C PHE B 84 22.06 3.41 -3.01
N MET B 85 21.57 3.80 -4.19
CA MET B 85 20.25 4.42 -4.31
C MET B 85 19.53 4.06 -5.60
N THR B 86 18.27 4.45 -5.71
CA THR B 86 17.50 4.19 -6.92
C THR B 86 17.73 5.42 -7.80
N LYS B 87 17.42 5.33 -9.09
CA LYS B 87 17.63 6.47 -9.98
C LYS B 87 16.85 7.71 -9.52
N GLY B 88 15.58 7.54 -9.15
CA GLY B 88 14.78 8.67 -8.70
C GLY B 88 14.07 9.32 -9.87
N HIS B 89 12.91 9.95 -9.61
CA HIS B 89 12.16 10.56 -10.69
C HIS B 89 10.95 11.38 -10.23
N TYR B 90 10.40 12.14 -11.17
CA TYR B 90 9.19 12.92 -10.95
C TYR B 90 8.16 12.08 -11.70
N HIS B 91 6.88 12.33 -11.49
CA HIS B 91 5.88 11.57 -12.23
C HIS B 91 5.59 12.33 -13.53
N SER B 92 5.22 11.60 -14.58
CA SER B 92 4.88 12.23 -15.85
C SER B 92 3.79 13.25 -15.52
N LYS B 93 2.78 12.78 -14.81
CA LYS B 93 1.70 13.65 -14.35
C LYS B 93 2.20 14.00 -12.95
N ILE B 94 2.98 15.08 -12.86
CA ILE B 94 3.59 15.53 -11.62
C ILE B 94 2.61 15.61 -10.45
N ASP B 95 1.33 15.58 -10.79
CA ASP B 95 0.25 15.67 -9.83
C ASP B 95 0.10 14.48 -8.89
N ARG B 96 0.53 13.30 -9.36
CA ARG B 96 0.40 12.06 -8.60
C ARG B 96 1.26 11.87 -7.35
N ALA B 97 0.65 11.27 -6.33
CA ALA B 97 1.36 11.01 -5.07
C ALA B 97 1.79 9.53 -5.06
N GLU B 98 2.44 9.12 -3.98
CA GLU B 98 2.87 7.74 -3.84
C GLU B 98 2.97 7.39 -2.36
N VAL B 99 2.88 6.12 -2.03
CA VAL B 99 2.98 5.68 -0.65
C VAL B 99 3.94 4.50 -0.59
N TYR B 100 4.89 4.58 0.33
CA TYR B 100 5.88 3.54 0.54
C TYR B 100 5.73 2.93 1.92
N PHE B 101 5.99 1.63 2.01
CA PHE B 101 5.86 0.90 3.27
C PHE B 101 7.13 0.07 3.46
N ALA B 102 7.94 0.45 4.45
CA ALA B 102 9.21 -0.24 4.72
C ALA B 102 9.00 -1.61 5.34
N LEU B 103 9.62 -2.63 4.74
CA LEU B 103 9.48 -3.99 5.23
C LEU B 103 10.70 -4.58 5.93
N LYS B 104 11.89 -4.32 5.40
CA LYS B 104 13.11 -4.85 6.01
C LYS B 104 14.33 -3.95 5.80
N GLY B 105 15.31 -4.07 6.71
CA GLY B 105 16.50 -3.26 6.59
C GLY B 105 16.30 -1.83 7.06
N LYS B 106 17.17 -0.93 6.62
CA LYS B 106 17.04 0.49 6.99
C LYS B 106 17.55 1.41 5.89
N GLY B 107 16.90 2.56 5.77
CA GLY B 107 17.28 3.54 4.76
C GLY B 107 16.44 4.80 4.90
N GLY B 108 16.23 5.47 3.77
CA GLY B 108 15.45 6.69 3.80
C GLY B 108 15.06 7.16 2.42
N MET B 109 14.14 8.13 2.37
CA MET B 109 13.70 8.68 1.10
C MET B 109 14.10 10.13 0.99
N LEU B 110 14.63 10.49 -0.17
CA LEU B 110 15.03 11.86 -0.43
C LEU B 110 14.02 12.40 -1.42
N LEU B 111 13.41 13.53 -1.08
CA LEU B 111 12.42 14.16 -1.94
C LEU B 111 12.81 15.57 -2.32
N GLN B 112 12.29 16.04 -3.46
CA GLN B 112 12.63 17.35 -3.97
C GLN B 112 11.49 18.03 -4.73
N THR B 113 11.41 19.35 -4.61
CA THR B 113 10.39 20.12 -5.32
C THR B 113 11.13 20.86 -6.44
N PRO B 114 10.40 21.32 -7.46
CA PRO B 114 11.02 22.04 -8.57
C PRO B 114 11.62 23.39 -8.16
N GLU B 115 11.22 23.86 -6.98
CA GLU B 115 11.70 25.15 -6.46
C GLU B 115 13.08 25.01 -5.82
N GLY B 116 13.45 23.78 -5.46
CA GLY B 116 14.74 23.55 -4.83
C GLY B 116 14.66 22.95 -3.44
N GLU B 117 13.47 22.83 -2.88
CA GLU B 117 13.30 22.29 -1.53
C GLU B 117 13.58 20.78 -1.48
N ALA B 118 14.32 20.36 -0.45
CA ALA B 118 14.66 18.94 -0.29
C ALA B 118 14.30 18.46 1.11
N ARG B 119 14.03 17.17 1.24
CA ARG B 119 13.68 16.54 2.51
C ARG B 119 14.20 15.10 2.52
N PHE B 120 14.63 14.62 3.68
CA PHE B 120 15.09 13.24 3.81
C PHE B 120 14.32 12.63 4.97
N ILE B 121 13.60 11.55 4.69
CA ILE B 121 12.81 10.88 5.70
C ILE B 121 13.31 9.47 6.02
N GLU B 122 13.73 9.27 7.26
CA GLU B 122 14.25 7.97 7.68
C GLU B 122 13.20 6.87 7.60
N MET B 123 13.66 5.67 7.23
CA MET B 123 12.77 4.53 7.10
C MET B 123 13.33 3.26 7.76
N GLU B 124 12.45 2.57 8.47
CA GLU B 124 12.79 1.32 9.12
C GLU B 124 11.53 0.47 9.08
N PRO B 125 11.63 -0.82 9.40
CA PRO B 125 10.44 -1.68 9.37
C PRO B 125 9.21 -1.09 10.05
N GLY B 126 8.13 -0.96 9.28
CA GLY B 126 6.90 -0.40 9.82
C GLY B 126 6.65 1.02 9.39
N THR B 127 7.68 1.70 8.92
CA THR B 127 7.52 3.09 8.48
C THR B 127 6.72 3.22 7.18
N ILE B 128 5.76 4.12 7.18
CA ILE B 128 4.97 4.40 5.98
C ILE B 128 5.33 5.81 5.57
N VAL B 129 5.75 6.00 4.32
CA VAL B 129 6.11 7.34 3.87
C VAL B 129 5.12 7.85 2.83
N TYR B 130 4.66 9.09 3.03
CA TYR B 130 3.73 9.73 2.11
C TYR B 130 4.50 10.68 1.21
N VAL B 131 4.52 10.37 -0.08
CA VAL B 131 5.18 11.18 -1.10
C VAL B 131 4.08 12.04 -1.71
N PRO B 132 4.04 13.33 -1.34
CA PRO B 132 3.00 14.22 -1.86
C PRO B 132 3.13 14.58 -3.32
N PRO B 133 2.03 15.09 -3.90
CA PRO B 133 2.01 15.50 -5.30
C PRO B 133 3.14 16.49 -5.55
N TYR B 134 3.68 16.47 -6.76
CA TYR B 134 4.76 17.37 -7.19
C TYR B 134 6.17 17.09 -6.69
N TRP B 135 6.33 16.17 -5.74
CA TRP B 135 7.66 15.87 -5.21
C TRP B 135 8.41 14.72 -5.90
N ALA B 136 9.61 14.99 -6.37
CA ALA B 136 10.42 13.93 -6.99
C ALA B 136 10.92 13.11 -5.81
N HIS B 137 11.23 11.84 -6.05
CA HIS B 137 11.71 11.00 -4.95
C HIS B 137 12.68 9.90 -5.36
N ARG B 138 13.56 9.57 -4.43
CA ARG B 138 14.59 8.54 -4.60
C ARG B 138 14.75 7.82 -3.27
N THR B 139 15.04 6.53 -3.31
CA THR B 139 15.24 5.75 -2.09
C THR B 139 16.73 5.49 -1.89
N ILE B 140 17.17 5.53 -0.64
CA ILE B 140 18.58 5.35 -0.31
C ILE B 140 18.73 4.25 0.75
N ASN B 141 19.73 3.39 0.57
CA ASN B 141 20.00 2.33 1.54
C ASN B 141 21.20 2.81 2.36
N THR B 142 20.99 3.05 3.66
CA THR B 142 22.06 3.52 4.53
C THR B 142 22.53 2.44 5.50
N GLY B 143 22.31 1.18 5.13
CA GLY B 143 22.71 0.08 5.99
C GLY B 143 23.63 -0.89 5.31
N ASP B 144 23.95 -1.98 6.00
CA ASP B 144 24.85 -3.00 5.46
C ASP B 144 24.04 -4.19 4.92
N LYS B 145 22.76 -4.23 5.28
CA LYS B 145 21.86 -5.30 4.85
C LYS B 145 20.92 -4.75 3.76
N PRO B 146 20.17 -5.66 3.11
CA PRO B 146 19.25 -5.21 2.06
C PRO B 146 18.08 -4.40 2.64
N PHE B 147 17.69 -3.36 1.92
CA PHE B 147 16.58 -2.50 2.33
C PHE B 147 15.41 -2.89 1.42
N ILE B 148 14.34 -3.41 2.02
CA ILE B 148 13.18 -3.85 1.25
C ILE B 148 11.90 -3.06 1.56
N PHE B 149 11.18 -2.65 0.53
CA PHE B 149 9.95 -1.89 0.74
C PHE B 149 8.95 -2.08 -0.38
N LEU B 150 7.70 -1.76 -0.06
CA LEU B 150 6.57 -1.86 -0.98
C LEU B 150 6.14 -0.46 -1.37
N ALA B 151 5.94 -0.21 -2.67
CA ALA B 151 5.51 1.08 -3.17
C ALA B 151 4.17 0.95 -3.88
N LEU B 152 3.29 1.93 -3.65
CA LEU B 152 1.96 1.94 -4.26
C LEU B 152 1.80 3.29 -4.92
N TYR B 153 1.44 3.31 -6.20
CA TYR B 153 1.30 4.56 -6.93
C TYR B 153 0.22 4.52 -7.99
N PRO B 154 -0.33 5.69 -8.37
CA PRO B 154 -1.38 5.74 -9.39
C PRO B 154 -0.89 5.10 -10.69
N ALA B 155 -1.77 4.35 -11.35
CA ALA B 155 -1.43 3.68 -12.60
C ALA B 155 -1.07 4.65 -13.71
N ASP B 156 -1.56 5.89 -13.63
CA ASP B 156 -1.27 6.88 -14.67
C ASP B 156 -0.22 7.92 -14.27
N ALA B 157 0.54 7.64 -13.22
CA ALA B 157 1.58 8.55 -12.76
C ALA B 157 2.72 8.69 -13.77
N GLY B 158 3.14 7.56 -14.34
CA GLY B 158 4.21 7.58 -15.31
C GLY B 158 5.56 7.89 -14.68
N HIS B 159 6.60 7.90 -15.50
CA HIS B 159 7.93 8.17 -15.00
C HIS B 159 8.67 9.19 -15.86
N ASP B 160 9.44 10.05 -15.20
CA ASP B 160 10.21 11.08 -15.88
C ASP B 160 11.60 11.15 -15.25
N TYR B 161 12.51 10.31 -15.73
CA TYR B 161 13.87 10.28 -15.22
C TYR B 161 14.71 11.39 -15.86
N GLY B 162 14.29 11.81 -17.06
CA GLY B 162 15.02 12.85 -17.78
C GLY B 162 15.52 13.99 -16.90
N THR B 163 14.59 14.74 -16.32
CA THR B 163 14.92 15.86 -15.45
C THR B 163 16.00 15.49 -14.43
N ILE B 164 15.69 14.50 -13.59
CA ILE B 164 16.62 14.04 -12.57
C ILE B 164 17.94 13.57 -13.16
N ALA B 165 17.86 12.79 -14.24
CA ALA B 165 19.05 12.26 -14.91
C ALA B 165 19.98 13.39 -15.34
N GLU B 166 19.41 14.57 -15.54
CA GLU B 166 20.20 15.73 -15.96
C GLU B 166 20.56 16.70 -14.83
N LYS B 167 19.55 17.07 -14.03
CA LYS B 167 19.78 17.99 -12.93
C LYS B 167 20.18 17.29 -11.63
N GLY B 168 19.74 16.05 -11.47
CA GLY B 168 20.05 15.30 -10.27
C GLY B 168 19.32 15.89 -9.07
N PHE B 169 19.65 15.44 -7.87
CA PHE B 169 19.01 15.97 -6.66
C PHE B 169 19.87 17.06 -6.04
N SER B 170 19.26 17.96 -5.28
CA SER B 170 20.01 19.05 -4.65
C SER B 170 20.88 18.57 -3.51
N LYS B 171 20.63 17.35 -3.06
CA LYS B 171 21.39 16.76 -1.96
C LYS B 171 21.88 15.38 -2.34
N ILE B 172 22.95 14.94 -1.67
CA ILE B 172 23.47 13.59 -1.87
C ILE B 172 23.55 13.06 -0.45
N VAL B 173 23.45 11.74 -0.30
CA VAL B 173 23.51 11.12 1.02
C VAL B 173 24.77 10.29 1.09
N VAL B 174 25.67 10.67 1.99
CA VAL B 174 26.95 9.98 2.12
C VAL B 174 27.21 9.53 3.55
N GLU B 175 28.34 8.84 3.73
CA GLU B 175 28.71 8.36 5.05
C GLU B 175 30.01 8.96 5.57
N GLU B 176 29.92 9.52 6.78
CA GLU B 176 31.04 10.12 7.48
C GLU B 176 30.87 9.59 8.89
N ASN B 177 31.35 8.36 9.13
CA ASN B 177 31.19 7.71 10.42
C ASN B 177 29.75 7.90 10.88
N GLY B 178 28.86 8.09 9.89
CA GLY B 178 27.45 8.29 10.16
C GLY B 178 26.74 8.82 8.93
N LYS B 179 25.41 8.70 8.93
CA LYS B 179 24.57 9.14 7.82
C LYS B 179 24.59 10.67 7.70
N VAL B 180 25.01 11.18 6.55
CA VAL B 180 25.07 12.62 6.35
C VAL B 180 24.44 13.10 5.04
N VAL B 181 23.50 14.04 5.16
CA VAL B 181 22.82 14.63 4.01
C VAL B 181 23.50 15.96 3.70
N VAL B 182 24.04 16.11 2.49
CA VAL B 182 24.72 17.34 2.13
C VAL B 182 24.37 17.81 0.71
N LYS B 183 24.71 19.07 0.43
CA LYS B 183 24.44 19.67 -0.87
C LYS B 183 25.19 18.98 -2.00
N ASP B 184 24.56 18.94 -3.16
CA ASP B 184 25.15 18.31 -4.34
C ASP B 184 25.38 19.31 -5.46
N ASN B 185 26.15 18.90 -6.47
CA ASN B 185 26.45 19.79 -7.58
C ASN B 185 26.24 19.07 -8.93
FE FE C . -12.53 0.90 -0.86
FE FE D . 7.15 6.93 -8.21
#